data_9D0S
#
_entry.id   9D0S
#
_cell.length_a   71.360
_cell.length_b   71.360
_cell.length_c   157.710
_cell.angle_alpha   90.00
_cell.angle_beta   90.00
_cell.angle_gamma   90.00
#
_symmetry.space_group_name_H-M   'P 41 21 2'
#
loop_
_entity.id
_entity.type
_entity.pdbx_description
1 polymer 'Wee1-like protein kinase'
2 non-polymer 'SODIUM ION'
3 non-polymer 'CHLORIDE ION'
4 non-polymer "(8P)-3-(2,6-dichlorophenyl)-1-methyl-8-[1-(1-methylpiperidin-4-yl)-1H-pyrazol-4-yl]-1,2,3,7-tetrahydro-4H-pyrrolo[3',2':5,6]pyrido[4,3-d]pyrimidin-4-one"
5 water water
#
_entity_poly.entity_id   1
_entity_poly.type   'polypeptide(L)'
_entity_poly.pdbx_seq_one_letter_code
;GAMGMKSRYTTEFHELEKIGSGEFGSVFKCVKRLDGCIYAIKRSKKPLAGSVDEQNALREVYAHAVLGQHSHVVRYFSAW
AEDDHMLIQNEYCNGGSLADAISENYRIMSYFKEAELKDLLLQVGRGLRYIHSMSLVHMDIKPSNIFISRTSIPNAASEE
GDEDDWASNKVMFKIGDLGHVTRISSPQVEEGDSRFLANEVLQENYTHLPKADIFALALTVVCAAGAEPLPRNGDQWHEI
RQGRLPRIPQVLSQEFTELLKVMIHPDPERRPSAMALVKHSVLLSASRK
;
_entity_poly.pdbx_strand_id   A
#
# COMPACT_ATOMS: atom_id res chain seq x y z
N LYS A 6 31.42 -10.53 -7.09
CA LYS A 6 30.92 -11.42 -8.16
C LYS A 6 29.49 -11.95 -7.97
N SER A 7 28.72 -11.39 -7.01
CA SER A 7 27.27 -11.63 -7.01
C SER A 7 26.57 -11.00 -8.21
N ARG A 8 25.40 -11.53 -8.56
CA ARG A 8 24.56 -10.88 -9.57
C ARG A 8 24.28 -9.41 -9.27
N TYR A 9 23.93 -9.11 -8.02
CA TYR A 9 23.61 -7.74 -7.65
C TYR A 9 24.74 -6.77 -7.91
N THR A 10 25.97 -7.20 -7.55
CA THR A 10 27.12 -6.28 -7.76
C THR A 10 27.57 -6.22 -9.21
N THR A 11 27.41 -7.31 -9.94
CA THR A 11 27.96 -7.28 -11.30
C THR A 11 26.95 -6.71 -12.28
N GLU A 12 25.66 -6.85 -12.01
CA GLU A 12 24.72 -6.35 -13.04
C GLU A 12 24.20 -4.96 -12.76
N PHE A 13 24.41 -4.45 -11.55
CA PHE A 13 23.89 -3.14 -11.17
C PHE A 13 24.93 -2.29 -10.51
N HIS A 14 24.78 -0.99 -10.65
CA HIS A 14 25.55 -0.02 -9.85
C HIS A 14 24.61 0.65 -8.83
N GLU A 15 24.92 0.59 -7.53
CA GLU A 15 24.10 1.28 -6.52
C GLU A 15 24.30 2.77 -6.58
N LEU A 16 23.20 3.52 -6.57
CA LEU A 16 23.25 4.98 -6.64
C LEU A 16 22.97 5.67 -5.31
N GLU A 17 21.97 5.21 -4.56
CA GLU A 17 21.46 5.96 -3.39
C GLU A 17 20.60 5.01 -2.56
N LYS A 18 20.69 5.03 -1.22
CA LYS A 18 19.75 4.24 -0.42
C LYS A 18 18.41 4.96 -0.38
N ILE A 19 17.32 4.22 -0.63
CA ILE A 19 16.00 4.81 -0.75
C ILE A 19 14.94 4.17 0.16
N GLY A 20 15.31 3.12 0.87
CA GLY A 20 14.42 2.58 1.89
C GLY A 20 15.20 1.70 2.86
N SER A 21 14.62 1.42 4.03
CA SER A 21 15.37 0.59 4.98
C SER A 21 14.44 -0.24 5.82
N GLY A 22 14.71 -1.54 5.95
CA GLY A 22 13.93 -2.45 6.77
C GLY A 22 14.76 -3.09 7.88
N GLU A 23 14.15 -3.99 8.65
CA GLU A 23 14.89 -4.56 9.77
C GLU A 23 15.99 -5.50 9.29
N PHE A 24 15.70 -6.17 8.18
CA PHE A 24 16.59 -7.18 7.65
C PHE A 24 17.15 -6.79 6.30
N GLY A 25 17.19 -5.49 6.01
CA GLY A 25 17.91 -5.05 4.82
C GLY A 25 17.48 -3.68 4.36
N SER A 26 17.60 -3.42 3.08
CA SER A 26 17.44 -2.05 2.60
C SER A 26 17.14 -2.06 1.11
N VAL A 27 16.76 -0.89 0.63
CA VAL A 27 16.42 -0.73 -0.79
C VAL A 27 17.33 0.33 -1.36
N PHE A 28 17.88 0.09 -2.56
CA PHE A 28 18.74 1.08 -3.22
C PHE A 28 18.17 1.41 -4.58
N LYS A 29 18.36 2.67 -4.95
CA LYS A 29 18.18 3.06 -6.34
C LYS A 29 19.43 2.61 -7.09
N CYS A 30 19.27 1.84 -8.16
CA CYS A 30 20.40 1.26 -8.89
C CYS A 30 20.24 1.53 -10.34
N VAL A 31 21.36 1.58 -11.07
CA VAL A 31 21.31 1.57 -12.52
C VAL A 31 21.76 0.22 -12.98
N LYS A 32 21.01 -0.33 -13.94
CA LYS A 32 21.36 -1.63 -14.49
C LYS A 32 22.36 -1.40 -15.62
N ARG A 33 23.49 -2.11 -15.52
CA ARG A 33 24.56 -1.79 -16.46
C ARG A 33 24.22 -2.08 -17.90
N LEU A 34 23.53 -3.19 -18.17
CA LEU A 34 23.30 -3.54 -19.57
C LEU A 34 22.23 -2.69 -20.19
N ASP A 35 21.15 -2.40 -19.48
CA ASP A 35 20.09 -1.65 -20.20
C ASP A 35 20.09 -0.15 -19.89
N GLY A 36 20.93 0.31 -18.94
CA GLY A 36 21.03 1.76 -18.68
C GLY A 36 19.89 2.36 -17.85
N CYS A 37 18.94 1.51 -17.41
CA CYS A 37 17.74 2.01 -16.72
C CYS A 37 17.85 1.94 -15.22
N ILE A 38 17.02 2.72 -14.54
CA ILE A 38 17.12 2.87 -13.09
C ILE A 38 16.01 2.01 -12.45
N TYR A 39 16.36 1.30 -11.37
CA TYR A 39 15.43 0.37 -10.69
C TYR A 39 15.53 0.59 -9.20
N ALA A 40 14.51 0.17 -8.47
CA ALA A 40 14.64 0.05 -7.02
C ALA A 40 14.87 -1.42 -6.68
N ILE A 41 15.90 -1.71 -5.85
CA ILE A 41 16.19 -3.12 -5.55
C ILE A 41 16.21 -3.31 -4.06
N LYS A 42 15.37 -4.20 -3.57
CA LYS A 42 15.30 -4.47 -2.12
C LYS A 42 16.16 -5.70 -1.87
N ARG A 43 17.07 -5.64 -0.90
CA ARG A 43 17.92 -6.78 -0.59
C ARG A 43 17.69 -7.11 0.87
N SER A 44 17.33 -8.37 1.17
CA SER A 44 16.92 -8.74 2.54
C SER A 44 17.61 -10.05 2.91
N LYS A 45 17.84 -10.29 4.20
CA LYS A 45 18.34 -11.64 4.60
C LYS A 45 17.49 -12.79 4.08
N LYS A 46 18.14 -13.78 3.46
CA LYS A 46 17.43 -14.94 2.92
C LYS A 46 16.96 -15.84 4.07
N PRO A 47 15.67 -16.17 4.22
CA PRO A 47 15.24 -17.10 5.27
C PRO A 47 15.70 -18.53 5.05
N LEU A 48 15.65 -19.32 6.13
CA LEU A 48 16.03 -20.74 6.06
C LEU A 48 15.24 -21.51 5.03
N ALA A 49 15.93 -22.30 4.20
CA ALA A 49 15.29 -23.25 3.32
C ALA A 49 14.29 -24.13 4.07
N GLY A 50 13.07 -24.22 3.56
CA GLY A 50 12.06 -25.06 4.19
C GLY A 50 11.31 -24.44 5.35
N SER A 51 11.70 -23.24 5.77
CA SER A 51 11.07 -22.63 6.94
C SER A 51 9.75 -21.95 6.56
N VAL A 52 9.02 -21.57 7.61
CA VAL A 52 7.80 -20.78 7.43
C VAL A 52 8.11 -19.41 6.88
N ASP A 53 9.22 -18.84 7.34
CA ASP A 53 9.67 -17.54 6.83
C ASP A 53 9.99 -17.59 5.37
N GLU A 54 10.56 -18.71 4.91
CA GLU A 54 10.75 -18.90 3.49
C GLU A 54 9.46 -18.91 2.75
N GLN A 55 8.46 -19.60 3.28
CA GLN A 55 7.17 -19.67 2.60
C GLN A 55 6.59 -18.27 2.46
N ASN A 56 6.75 -17.48 3.51
CA ASN A 56 6.24 -16.11 3.54
C ASN A 56 6.97 -15.21 2.53
N ALA A 57 8.30 -15.33 2.50
CA ALA A 57 9.11 -14.61 1.53
C ALA A 57 8.81 -15.00 0.09
N LEU A 58 8.59 -16.29 -0.16
CA LEU A 58 8.23 -16.73 -1.49
C LEU A 58 6.85 -16.26 -1.91
N ARG A 59 5.92 -16.20 -0.95
CA ARG A 59 4.57 -15.67 -1.30
C ARG A 59 4.61 -14.23 -1.73
N GLU A 60 5.47 -13.51 -1.05
CA GLU A 60 5.62 -12.09 -1.42
C GLU A 60 6.21 -11.96 -2.82
N VAL A 61 7.23 -12.76 -3.15
CA VAL A 61 7.71 -12.78 -4.55
C VAL A 61 6.63 -13.10 -5.57
N TYR A 62 5.83 -14.13 -5.27
CA TYR A 62 4.77 -14.51 -6.19
C TYR A 62 3.76 -13.35 -6.34
N ALA A 63 3.50 -12.64 -5.26
CA ALA A 63 2.53 -11.52 -5.35
C ALA A 63 3.08 -10.42 -6.26
N HIS A 64 4.39 -10.13 -6.16
CA HIS A 64 4.98 -9.15 -7.12
C HIS A 64 4.91 -9.64 -8.54
N ALA A 65 5.18 -10.93 -8.73
CA ALA A 65 5.20 -11.47 -10.06
C ALA A 65 3.82 -11.56 -10.71
N VAL A 66 2.77 -11.63 -9.88
CA VAL A 66 1.42 -11.71 -10.49
C VAL A 66 0.71 -10.35 -10.52
N LEU A 67 1.08 -9.42 -9.61
CA LEU A 67 0.34 -8.15 -9.51
C LEU A 67 1.04 -6.96 -10.15
N GLY A 68 2.34 -7.07 -10.44
CA GLY A 68 3.12 -5.83 -10.70
C GLY A 68 2.81 -5.26 -12.09
N GLN A 69 2.17 -6.00 -12.98
CA GLN A 69 1.81 -5.44 -14.30
C GLN A 69 0.66 -4.42 -14.26
N HIS A 70 -0.06 -4.34 -13.15
CA HIS A 70 -1.18 -3.37 -13.08
C HIS A 70 -0.61 -1.95 -13.02
N SER A 71 -1.31 -0.99 -13.61
CA SER A 71 -0.81 0.37 -13.55
C SER A 71 -0.71 0.99 -12.17
N HIS A 72 -1.41 0.45 -11.18
CA HIS A 72 -1.32 1.03 -9.84
C HIS A 72 -0.71 0.04 -8.84
N VAL A 73 0.17 -0.82 -9.36
CA VAL A 73 1.05 -1.61 -8.48
C VAL A 73 2.44 -1.35 -9.00
N VAL A 74 3.42 -1.21 -8.13
CA VAL A 74 4.81 -1.00 -8.59
C VAL A 74 5.24 -2.14 -9.47
N ARG A 75 5.81 -1.79 -10.62
CA ARG A 75 6.15 -2.85 -11.56
C ARG A 75 7.32 -3.75 -11.12
N TYR A 76 7.17 -5.04 -11.39
CA TYR A 76 8.17 -6.06 -11.04
C TYR A 76 9.01 -6.38 -12.26
N PHE A 77 10.33 -6.52 -12.05
CA PHE A 77 11.20 -7.04 -13.09
C PHE A 77 11.82 -8.39 -12.74
N SER A 78 12.36 -8.53 -11.53
CA SER A 78 13.00 -9.84 -11.24
C SER A 78 13.12 -10.04 -9.75
N ALA A 79 13.40 -11.27 -9.34
CA ALA A 79 13.72 -11.58 -7.94
C ALA A 79 14.69 -12.73 -7.99
N TRP A 80 15.66 -12.76 -7.09
CA TRP A 80 16.63 -13.87 -7.09
C TRP A 80 17.16 -14.04 -5.69
N ALA A 81 17.78 -15.20 -5.44
CA ALA A 81 18.47 -15.44 -4.20
C ALA A 81 19.98 -15.53 -4.43
N GLU A 82 20.70 -14.99 -3.48
CA GLU A 82 22.15 -15.17 -3.45
C GLU A 82 22.39 -16.02 -2.21
N ASP A 83 23.63 -16.10 -1.74
CA ASP A 83 23.91 -17.01 -0.62
C ASP A 83 23.11 -16.73 0.65
N ASP A 84 23.14 -15.47 1.07
CA ASP A 84 22.50 -15.07 2.32
C ASP A 84 21.42 -14.04 2.09
N HIS A 85 21.11 -13.69 0.82
CA HIS A 85 20.16 -12.60 0.54
C HIS A 85 19.12 -12.99 -0.48
N MET A 86 17.95 -12.35 -0.34
CA MET A 86 16.94 -12.37 -1.39
C MET A 86 16.70 -10.96 -1.89
N LEU A 87 16.60 -10.86 -3.21
CA LEU A 87 16.55 -9.55 -3.83
C LEU A 87 15.33 -9.48 -4.69
N ILE A 88 14.70 -8.29 -4.71
CA ILE A 88 13.54 -8.04 -5.62
C ILE A 88 13.85 -6.73 -6.36
N GLN A 89 13.77 -6.77 -7.67
CA GLN A 89 14.06 -5.61 -8.49
C GLN A 89 12.75 -5.08 -9.07
N ASN A 90 12.42 -3.85 -8.69
CA ASN A 90 11.19 -3.21 -9.15
C ASN A 90 11.52 -1.95 -9.93
N GLU A 91 10.48 -1.37 -10.57
CA GLU A 91 10.62 0.02 -11.05
C GLU A 91 11.01 0.98 -9.90
N TYR A 92 11.71 2.04 -10.28
CA TYR A 92 12.02 3.11 -9.33
C TYR A 92 10.96 4.19 -9.48
N CYS A 93 10.24 4.44 -8.39
CA CYS A 93 9.22 5.50 -8.41
C CYS A 93 9.87 6.77 -7.89
N ASN A 94 9.95 7.77 -8.77
CA ASN A 94 10.78 8.94 -8.46
C ASN A 94 10.19 9.85 -7.38
N GLY A 95 8.93 9.67 -7.01
CA GLY A 95 8.32 10.50 -5.98
C GLY A 95 8.40 9.93 -4.58
N GLY A 96 8.93 8.73 -4.43
CA GLY A 96 9.11 8.17 -3.07
C GLY A 96 7.80 7.72 -2.43
N SER A 97 7.80 7.44 -1.12
CA SER A 97 6.55 6.89 -0.54
C SER A 97 5.55 8.00 -0.29
N LEU A 98 4.29 7.58 -0.23
CA LEU A 98 3.23 8.51 0.16
C LEU A 98 3.42 8.96 1.61
N ALA A 99 3.95 8.07 2.46
CA ALA A 99 4.19 8.47 3.86
C ALA A 99 5.15 9.67 3.94
N ASP A 100 6.20 9.66 3.12
CA ASP A 100 7.16 10.77 3.19
C ASP A 100 6.57 12.03 2.59
N ALA A 101 5.71 11.88 1.59
CA ALA A 101 5.04 13.08 1.07
C ALA A 101 4.10 13.69 2.12
N ILE A 102 3.41 12.82 2.82
CA ILE A 102 2.48 13.28 3.89
C ILE A 102 3.23 13.93 5.03
N SER A 103 4.41 13.39 5.38
CA SER A 103 5.26 13.97 6.43
C SER A 103 5.75 15.36 6.08
N GLU A 104 6.16 15.54 4.82
CA GLU A 104 6.54 16.88 4.37
C GLU A 104 5.35 17.84 4.37
N ASN A 105 4.19 17.35 3.92
CA ASN A 105 2.97 18.16 3.91
C ASN A 105 2.56 18.60 5.28
N TYR A 106 2.76 17.70 6.22
CA TYR A 106 2.44 17.98 7.64
C TYR A 106 3.27 19.11 8.20
N ARG A 107 4.56 19.02 7.95
CA ARG A 107 5.52 20.07 8.32
C ARG A 107 5.22 21.46 7.79
N ILE A 108 4.83 21.54 6.51
CA ILE A 108 4.56 22.82 5.87
C ILE A 108 3.13 23.25 5.96
N MET A 109 2.24 22.48 6.57
CA MET A 109 0.82 22.84 6.61
C MET A 109 0.11 23.02 5.27
N SER A 110 0.43 22.16 4.33
CA SER A 110 -0.23 22.20 3.04
C SER A 110 -0.48 20.78 2.64
N TYR A 111 -1.73 20.40 2.64
CA TYR A 111 -2.05 18.96 2.56
C TYR A 111 -2.50 18.65 1.14
N PHE A 112 -2.86 17.39 0.89
CA PHE A 112 -3.58 17.10 -0.37
C PHE A 112 -4.93 17.76 -0.39
N LYS A 113 -5.20 18.55 -1.45
CA LYS A 113 -6.54 19.11 -1.58
C LYS A 113 -7.58 18.08 -2.01
N GLU A 114 -8.88 18.42 -1.92
CA GLU A 114 -9.95 17.47 -2.23
C GLU A 114 -9.78 16.76 -3.57
N ALA A 115 -9.44 17.49 -4.63
CA ALA A 115 -9.30 16.83 -5.92
C ALA A 115 -8.14 15.85 -5.96
N GLU A 116 -7.07 16.17 -5.25
CA GLU A 116 -5.93 15.29 -5.15
C GLU A 116 -6.22 14.08 -4.25
N LEU A 117 -7.00 14.29 -3.18
CA LEU A 117 -7.44 13.14 -2.36
C LEU A 117 -8.34 12.17 -3.15
N LYS A 118 -9.23 12.74 -3.99
CA LYS A 118 -10.06 11.89 -4.85
C LYS A 118 -9.24 11.09 -5.86
N ASP A 119 -8.22 11.71 -6.42
CA ASP A 119 -7.28 11.00 -7.29
C ASP A 119 -6.55 9.85 -6.59
N LEU A 120 -6.07 10.12 -5.36
CA LEU A 120 -5.42 9.06 -4.58
C LEU A 120 -6.36 7.91 -4.30
N LEU A 121 -7.57 8.22 -3.84
CA LEU A 121 -8.56 7.22 -3.54
C LEU A 121 -8.95 6.39 -4.77
N LEU A 122 -9.19 7.05 -5.89
CA LEU A 122 -9.53 6.35 -7.12
C LEU A 122 -8.37 5.47 -7.63
N GLN A 123 -7.18 6.03 -7.63
CA GLN A 123 -6.02 5.25 -8.18
C GLN A 123 -5.68 4.03 -7.31
N VAL A 124 -5.57 4.24 -5.99
CA VAL A 124 -5.37 3.03 -5.14
C VAL A 124 -6.58 2.09 -5.16
N GLY A 125 -7.79 2.68 -5.24
CA GLY A 125 -8.98 1.86 -5.48
C GLY A 125 -8.91 1.00 -6.75
N ARG A 126 -8.37 1.52 -7.88
CA ARG A 126 -8.22 0.67 -9.05
C ARG A 126 -7.23 -0.49 -8.79
N GLY A 127 -6.18 -0.18 -8.04
CA GLY A 127 -5.21 -1.22 -7.61
C GLY A 127 -5.87 -2.32 -6.81
N LEU A 128 -6.68 -1.92 -5.84
CA LEU A 128 -7.44 -2.91 -5.06
C LEU A 128 -8.51 -3.64 -5.86
N ARG A 129 -9.20 -2.93 -6.77
CA ARG A 129 -10.17 -3.67 -7.63
C ARG A 129 -9.47 -4.79 -8.44
N TYR A 130 -8.26 -4.48 -8.92
CA TYR A 130 -7.46 -5.51 -9.62
C TYR A 130 -7.03 -6.66 -8.69
N ILE A 131 -6.46 -6.31 -7.55
CA ILE A 131 -6.03 -7.34 -6.58
C ILE A 131 -7.18 -8.26 -6.18
N HIS A 132 -8.32 -7.64 -5.85
CA HIS A 132 -9.50 -8.45 -5.49
C HIS A 132 -10.07 -9.28 -6.62
N SER A 133 -9.96 -8.77 -7.85
CA SER A 133 -10.41 -9.57 -9.01
C SER A 133 -9.52 -10.75 -9.29
N MET A 134 -8.30 -10.72 -8.73
CA MET A 134 -7.35 -11.85 -8.90
C MET A 134 -7.48 -12.83 -7.73
N SER A 135 -8.56 -12.71 -6.96
CA SER A 135 -8.80 -13.54 -5.78
C SER A 135 -7.74 -13.39 -4.70
N LEU A 136 -7.24 -12.17 -4.52
CA LEU A 136 -6.24 -11.85 -3.52
C LEU A 136 -6.73 -10.67 -2.69
N VAL A 137 -6.14 -10.48 -1.53
CA VAL A 137 -6.32 -9.25 -0.72
C VAL A 137 -4.98 -8.71 -0.33
N HIS A 138 -4.93 -7.41 -0.06
CA HIS A 138 -3.61 -6.82 0.17
C HIS A 138 -3.20 -6.92 1.65
N MET A 139 -4.13 -6.53 2.53
CA MET A 139 -3.96 -6.73 3.97
C MET A 139 -3.00 -5.78 4.67
N ASP A 140 -2.47 -4.78 3.97
CA ASP A 140 -1.63 -3.81 4.67
C ASP A 140 -1.60 -2.48 3.96
N ILE A 141 -2.76 -1.96 3.53
CA ILE A 141 -2.71 -0.67 2.84
C ILE A 141 -2.38 0.44 3.85
N LYS A 142 -1.40 1.26 3.52
CA LYS A 142 -1.01 2.41 4.37
C LYS A 142 -0.05 3.28 3.57
N PRO A 143 0.19 4.54 3.95
CA PRO A 143 1.04 5.43 3.16
C PRO A 143 2.43 4.94 2.91
N SER A 144 3.01 4.24 3.90
CA SER A 144 4.42 3.82 3.71
C SER A 144 4.52 2.66 2.73
N ASN A 145 3.38 2.15 2.25
CA ASN A 145 3.37 1.00 1.30
C ASN A 145 2.95 1.44 -0.08
N ILE A 146 2.74 2.73 -0.24
CA ILE A 146 2.29 3.29 -1.54
C ILE A 146 3.37 4.23 -2.03
N PHE A 147 3.63 4.20 -3.35
CA PHE A 147 4.73 4.96 -3.91
C PHE A 147 4.18 5.92 -4.97
N ILE A 148 4.95 6.98 -5.26
CA ILE A 148 4.46 8.07 -6.17
C ILE A 148 5.39 8.14 -7.37
N SER A 149 4.80 8.27 -8.56
CA SER A 149 5.60 8.51 -9.76
C SER A 149 5.10 9.84 -10.31
N ARG A 150 6.01 10.76 -10.54
CA ARG A 150 5.69 12.09 -11.06
C ARG A 150 6.20 12.17 -12.48
N THR A 151 5.38 12.71 -13.37
CA THR A 151 5.83 13.02 -14.74
C THR A 151 5.40 14.45 -15.09
N LYS A 170 1.09 13.44 -15.24
CA LYS A 170 0.17 13.50 -14.09
C LYS A 170 0.61 12.49 -13.03
N VAL A 171 0.39 12.80 -11.75
CA VAL A 171 0.86 11.93 -10.64
C VAL A 171 0.19 10.54 -10.62
N MET A 172 0.99 9.52 -10.36
CA MET A 172 0.48 8.15 -10.32
C MET A 172 0.86 7.55 -8.95
N PHE A 173 -0.13 6.97 -8.29
CA PHE A 173 0.10 6.30 -7.01
C PHE A 173 0.07 4.78 -7.24
N LYS A 174 1.03 4.08 -6.61
CA LYS A 174 1.19 2.66 -6.90
C LYS A 174 1.38 1.91 -5.59
N ILE A 175 0.67 0.79 -5.48
CA ILE A 175 0.89 -0.04 -4.27
C ILE A 175 2.23 -0.77 -4.43
N GLY A 176 3.11 -0.65 -3.44
CA GLY A 176 4.46 -1.22 -3.63
C GLY A 176 4.73 -2.40 -2.73
N ASP A 177 4.37 -2.31 -1.46
CA ASP A 177 4.74 -3.39 -0.51
C ASP A 177 3.61 -4.41 -0.57
N LEU A 178 3.95 -5.66 -0.81
CA LEU A 178 2.99 -6.75 -0.99
C LEU A 178 3.24 -7.87 0.02
N GLY A 179 3.88 -7.49 1.11
CA GLY A 179 4.30 -8.53 2.05
C GLY A 179 3.17 -9.12 2.90
N HIS A 180 1.94 -8.61 2.86
CA HIS A 180 0.83 -9.27 3.56
C HIS A 180 -0.20 -9.81 2.59
N VAL A 181 0.05 -9.79 1.30
CA VAL A 181 -0.93 -10.30 0.34
C VAL A 181 -1.18 -11.81 0.59
N THR A 182 -2.43 -12.18 0.52
CA THR A 182 -2.86 -13.56 0.74
C THR A 182 -4.13 -13.77 -0.08
N ARG A 183 -4.56 -15.02 -0.28
CA ARG A 183 -5.79 -15.18 -1.09
C ARG A 183 -7.06 -14.72 -0.36
N ILE A 184 -8.04 -14.38 -1.18
CA ILE A 184 -9.25 -13.71 -0.70
C ILE A 184 -10.08 -14.54 0.29
N SER A 185 -9.97 -15.89 0.20
CA SER A 185 -10.69 -16.72 1.16
C SER A 185 -9.74 -17.39 2.12
N SER A 186 -8.64 -16.74 2.45
CA SER A 186 -7.66 -17.35 3.36
C SER A 186 -8.25 -17.53 4.76
N PRO A 187 -8.08 -18.70 5.37
CA PRO A 187 -8.56 -18.87 6.75
C PRO A 187 -7.59 -18.42 7.82
N GLN A 188 -6.35 -18.13 7.43
CA GLN A 188 -5.31 -17.61 8.30
C GLN A 188 -4.76 -16.35 7.63
N VAL A 189 -4.50 -15.31 8.40
CA VAL A 189 -4.12 -14.00 7.86
C VAL A 189 -3.05 -13.42 8.80
N GLU A 190 -2.00 -12.83 8.20
CA GLU A 190 -1.04 -12.01 8.92
C GLU A 190 -1.61 -10.58 8.94
N GLU A 191 -2.06 -10.10 10.10
CA GLU A 191 -2.69 -8.77 10.21
C GLU A 191 -1.73 -7.66 9.77
N GLY A 192 -2.27 -6.63 9.15
CA GLY A 192 -1.36 -5.52 8.80
C GLY A 192 -1.29 -4.51 9.91
N ASP A 193 -0.68 -3.37 9.60
CA ASP A 193 -0.44 -2.31 10.59
C ASP A 193 -1.64 -2.00 11.47
N SER A 194 -1.46 -2.01 12.80
CA SER A 194 -2.65 -1.80 13.62
C SER A 194 -3.33 -0.43 13.45
N ARG A 195 -2.59 0.59 12.99
CA ARG A 195 -3.23 1.91 12.76
C ARG A 195 -4.28 1.86 11.68
N PHE A 196 -4.18 0.90 10.76
CA PHE A 196 -5.07 0.85 9.59
C PHE A 196 -5.97 -0.37 9.61
N LEU A 197 -5.90 -1.16 10.69
CA LEU A 197 -6.52 -2.48 10.72
C LEU A 197 -7.99 -2.38 11.14
N ALA A 198 -8.86 -3.00 10.35
CA ALA A 198 -10.30 -3.02 10.64
C ALA A 198 -10.60 -3.97 11.80
N ASN A 199 -11.65 -3.71 12.56
CA ASN A 199 -11.81 -4.48 13.82
C ASN A 199 -12.10 -5.94 13.57
N GLU A 200 -12.86 -6.23 12.51
CA GLU A 200 -13.21 -7.62 12.22
C GLU A 200 -12.01 -8.53 11.96
N VAL A 201 -10.96 -7.97 11.34
CA VAL A 201 -9.76 -8.75 11.17
C VAL A 201 -9.06 -8.97 12.48
N LEU A 202 -9.02 -7.92 13.31
CA LEU A 202 -8.46 -8.06 14.65
C LEU A 202 -9.14 -9.15 15.45
N GLN A 203 -10.44 -9.25 15.28
CA GLN A 203 -11.21 -10.31 15.91
C GLN A 203 -11.16 -11.66 15.19
N GLU A 204 -10.36 -11.80 14.15
CA GLU A 204 -10.23 -13.07 13.44
C GLU A 204 -11.47 -13.47 12.66
N ASN A 205 -12.24 -12.47 12.22
CA ASN A 205 -13.31 -12.76 11.28
C ASN A 205 -12.84 -12.42 9.87
N TYR A 206 -12.75 -13.43 9.02
CA TYR A 206 -12.14 -13.28 7.70
C TYR A 206 -13.13 -13.50 6.59
N THR A 207 -14.40 -13.31 6.90
CA THR A 207 -15.44 -13.52 5.91
C THR A 207 -15.44 -12.47 4.81
N HIS A 208 -14.93 -11.26 5.06
CA HIS A 208 -15.08 -10.18 4.08
C HIS A 208 -13.74 -9.49 3.90
N LEU A 209 -12.65 -10.26 3.72
CA LEU A 209 -11.32 -9.64 3.71
C LEU A 209 -11.13 -8.43 2.78
N PRO A 210 -11.70 -8.36 1.56
CA PRO A 210 -11.58 -7.20 0.71
C PRO A 210 -11.99 -5.89 1.37
N LYS A 211 -12.98 -5.97 2.26
CA LYS A 211 -13.44 -4.76 2.95
C LYS A 211 -12.51 -4.29 4.03
N ALA A 212 -11.55 -5.14 4.48
CA ALA A 212 -10.47 -4.63 5.30
C ALA A 212 -9.53 -3.72 4.52
N ASP A 213 -9.32 -4.04 3.24
CA ASP A 213 -8.48 -3.14 2.40
C ASP A 213 -9.17 -1.79 2.12
N ILE A 214 -10.49 -1.83 1.98
CA ILE A 214 -11.26 -0.59 1.83
C ILE A 214 -11.17 0.29 3.05
N PHE A 215 -11.32 -0.32 4.23
CA PHE A 215 -11.15 0.42 5.49
C PHE A 215 -9.77 1.06 5.59
N ALA A 216 -8.73 0.26 5.29
CA ALA A 216 -7.38 0.82 5.37
C ALA A 216 -7.12 1.95 4.38
N LEU A 217 -7.71 1.83 3.19
CA LEU A 217 -7.55 2.85 2.17
C LEU A 217 -8.24 4.15 2.61
N ALA A 218 -9.43 4.04 3.20
CA ALA A 218 -10.01 5.28 3.73
C ALA A 218 -9.15 6.00 4.76
N LEU A 219 -8.56 5.27 5.71
CA LEU A 219 -7.69 5.90 6.65
C LEU A 219 -6.39 6.43 6.04
N THR A 220 -5.94 5.78 4.98
CA THR A 220 -4.81 6.30 4.21
C THR A 220 -5.12 7.67 3.59
N VAL A 221 -6.33 7.78 3.06
CA VAL A 221 -6.75 9.09 2.54
C VAL A 221 -6.90 10.12 3.66
N VAL A 222 -7.41 9.68 4.81
CA VAL A 222 -7.47 10.65 5.96
C VAL A 222 -6.09 11.18 6.36
N CYS A 223 -5.09 10.29 6.35
CA CYS A 223 -3.72 10.72 6.58
C CYS A 223 -3.27 11.75 5.55
N ALA A 224 -3.61 11.46 4.27
CA ALA A 224 -3.17 12.39 3.23
C ALA A 224 -3.94 13.75 3.28
N ALA A 225 -5.10 13.75 3.91
CA ALA A 225 -5.87 14.99 4.09
C ALA A 225 -5.36 15.87 5.23
N GLY A 226 -4.34 15.44 5.95
CA GLY A 226 -3.70 16.29 6.97
C GLY A 226 -3.93 15.83 8.39
N ALA A 227 -4.53 14.66 8.59
CA ALA A 227 -4.87 14.28 10.01
C ALA A 227 -3.64 14.11 10.88
N GLU A 228 -3.85 14.18 12.19
CA GLU A 228 -2.77 13.78 13.09
C GLU A 228 -2.41 12.31 12.87
N PRO A 229 -1.23 11.87 13.30
CA PRO A 229 -0.87 10.46 13.30
C PRO A 229 -1.93 9.57 13.93
N LEU A 230 -2.25 8.45 13.30
CA LEU A 230 -3.37 7.63 13.78
C LEU A 230 -2.95 6.82 15.00
N PRO A 231 -3.90 6.46 15.88
CA PRO A 231 -3.58 5.67 17.05
C PRO A 231 -3.37 4.20 16.73
N ARG A 232 -2.49 3.56 17.47
CA ARG A 232 -2.31 2.12 17.31
C ARG A 232 -3.23 1.29 18.16
N ASN A 233 -3.74 1.89 19.22
CA ASN A 233 -4.53 1.19 20.21
C ASN A 233 -5.22 2.23 21.07
N GLY A 234 -6.10 1.78 21.95
CA GLY A 234 -6.60 2.70 22.95
C GLY A 234 -7.95 3.25 22.56
N ASP A 235 -8.40 4.18 23.37
CA ASP A 235 -9.74 4.74 23.17
C ASP A 235 -9.97 5.39 21.79
N GLN A 236 -8.96 6.09 21.29
CA GLN A 236 -9.13 6.75 20.01
C GLN A 236 -9.14 5.71 18.87
N TRP A 237 -8.43 4.60 19.08
CA TRP A 237 -8.45 3.51 18.09
C TRP A 237 -9.84 2.89 17.99
N HIS A 238 -10.43 2.62 19.16
CA HIS A 238 -11.80 2.13 19.21
C HIS A 238 -12.85 3.07 18.66
N GLU A 239 -12.68 4.36 18.88
CA GLU A 239 -13.62 5.33 18.35
C GLU A 239 -13.73 5.31 16.80
N ILE A 240 -12.56 5.16 16.17
CA ILE A 240 -12.53 5.06 14.71
C ILE A 240 -13.24 3.80 14.24
N ARG A 241 -13.05 2.70 14.97
CA ARG A 241 -13.70 1.45 14.61
C ARG A 241 -15.19 1.41 14.90
N GLN A 242 -15.71 2.45 15.56
CA GLN A 242 -17.14 2.69 15.53
C GLN A 242 -17.61 3.48 14.32
N GLY A 243 -16.70 3.82 13.42
CA GLY A 243 -17.10 4.48 12.19
C GLY A 243 -16.93 6.00 12.24
N ARG A 244 -16.18 6.50 13.20
CA ARG A 244 -16.00 7.94 13.31
C ARG A 244 -14.67 8.37 12.69
N LEU A 245 -14.72 9.19 11.66
CA LEU A 245 -13.50 9.70 11.05
C LEU A 245 -12.70 10.55 12.00
N PRO A 246 -11.36 10.43 11.97
CA PRO A 246 -10.49 11.37 12.65
C PRO A 246 -10.71 12.79 12.15
N ARG A 247 -10.30 13.77 12.97
CA ARG A 247 -10.33 15.17 12.52
C ARG A 247 -9.44 15.37 11.28
N ILE A 248 -10.01 16.06 10.30
CA ILE A 248 -9.27 16.43 9.07
C ILE A 248 -9.15 17.97 9.05
N PRO A 249 -7.96 18.56 8.92
CA PRO A 249 -7.73 20.01 9.08
C PRO A 249 -8.02 20.94 7.88
N GLN A 250 -9.00 20.60 7.10
CA GLN A 250 -9.29 21.32 5.87
C GLN A 250 -10.70 20.97 5.50
N VAL A 251 -11.34 21.87 4.78
CA VAL A 251 -12.71 21.65 4.38
C VAL A 251 -12.79 20.67 3.19
N LEU A 252 -13.56 19.61 3.39
CA LEU A 252 -13.88 18.67 2.34
C LEU A 252 -15.37 18.70 2.15
N SER A 253 -15.81 18.46 0.94
CA SER A 253 -17.25 18.29 0.67
C SER A 253 -17.93 17.20 1.48
N GLN A 254 -19.21 17.42 1.76
CA GLN A 254 -19.92 16.49 2.64
C GLN A 254 -20.07 15.13 1.98
N GLU A 255 -20.17 15.09 0.66
CA GLU A 255 -20.41 13.78 0.07
C GLU A 255 -19.12 12.99 -0.01
N PHE A 256 -18.00 13.69 -0.08
CA PHE A 256 -16.69 13.04 -0.08
C PHE A 256 -16.40 12.52 1.30
N THR A 257 -16.64 13.36 2.31
CA THR A 257 -16.56 12.93 3.71
C THR A 257 -17.48 11.75 4.01
N GLU A 258 -18.68 11.74 3.42
CA GLU A 258 -19.58 10.64 3.68
C GLU A 258 -19.11 9.32 3.06
N LEU A 259 -18.47 9.42 1.91
CA LEU A 259 -17.81 8.24 1.29
C LEU A 259 -16.72 7.66 2.19
N LEU A 260 -15.84 8.54 2.71
CA LEU A 260 -14.80 8.09 3.63
C LEU A 260 -15.36 7.47 4.88
N LYS A 261 -16.45 8.06 5.41
CA LYS A 261 -17.07 7.46 6.57
C LYS A 261 -17.68 6.07 6.31
N VAL A 262 -18.37 5.91 5.18
CA VAL A 262 -18.98 4.59 4.95
C VAL A 262 -17.90 3.56 4.64
N MET A 263 -16.72 4.01 4.15
CA MET A 263 -15.61 3.03 3.98
C MET A 263 -15.01 2.57 5.30
N ILE A 264 -15.31 3.23 6.44
CA ILE A 264 -14.88 2.77 7.75
C ILE A 264 -16.07 2.28 8.60
N HIS A 265 -17.17 1.98 7.93
CA HIS A 265 -18.36 1.49 8.64
C HIS A 265 -18.05 0.24 9.46
N PRO A 266 -18.48 0.11 10.72
CA PRO A 266 -18.25 -1.09 11.50
C PRO A 266 -18.76 -2.38 10.90
N ASP A 267 -19.78 -2.31 10.04
CA ASP A 267 -20.22 -3.50 9.37
C ASP A 267 -19.49 -3.54 8.03
N PRO A 268 -18.62 -4.54 7.81
CA PRO A 268 -17.86 -4.58 6.56
C PRO A 268 -18.71 -4.64 5.31
N GLU A 269 -19.89 -5.26 5.42
CA GLU A 269 -20.73 -5.35 4.28
C GLU A 269 -21.31 -4.02 3.87
N ARG A 270 -21.32 -3.03 4.76
CA ARG A 270 -21.79 -1.70 4.33
C ARG A 270 -20.73 -0.89 3.59
N ARG A 271 -19.47 -1.30 3.72
CA ARG A 271 -18.40 -0.61 2.98
C ARG A 271 -18.48 -0.91 1.51
N PRO A 272 -18.13 0.01 0.60
CA PRO A 272 -18.16 -0.25 -0.81
C PRO A 272 -17.14 -1.33 -1.19
N SER A 273 -17.48 -2.19 -2.14
CA SER A 273 -16.40 -2.93 -2.80
C SER A 273 -15.46 -2.02 -3.56
N ALA A 274 -14.31 -2.58 -3.96
CA ALA A 274 -13.40 -1.72 -4.74
C ALA A 274 -13.96 -1.39 -6.10
N MET A 275 -14.71 -2.35 -6.67
CA MET A 275 -15.42 -2.03 -7.90
C MET A 275 -16.42 -0.86 -7.71
N ALA A 276 -17.20 -0.94 -6.63
CA ALA A 276 -18.17 0.14 -6.40
C ALA A 276 -17.51 1.48 -6.14
N LEU A 277 -16.36 1.42 -5.46
CA LEU A 277 -15.57 2.61 -5.15
C LEU A 277 -15.08 3.27 -6.42
N VAL A 278 -14.54 2.49 -7.37
CA VAL A 278 -14.01 3.13 -8.57
C VAL A 278 -15.12 3.66 -9.46
N LYS A 279 -16.31 3.11 -9.33
CA LYS A 279 -17.43 3.57 -10.13
C LYS A 279 -18.23 4.65 -9.39
N HIS A 280 -17.77 5.08 -8.22
CA HIS A 280 -18.57 5.99 -7.39
C HIS A 280 -18.76 7.38 -8.01
N SER A 281 -19.98 7.90 -7.90
CA SER A 281 -20.29 9.22 -8.48
C SER A 281 -19.41 10.37 -8.00
N VAL A 282 -19.01 10.32 -6.73
CA VAL A 282 -18.04 11.24 -6.12
C VAL A 282 -16.66 11.25 -6.77
N LEU A 283 -16.26 10.12 -7.33
CA LEU A 283 -14.94 10.03 -7.98
C LEU A 283 -15.01 10.17 -9.48
N LEU A 284 -16.20 10.45 -10.02
CA LEU A 284 -16.37 10.56 -11.48
C LEU A 284 -15.48 11.63 -12.13
N SER A 285 -15.38 12.77 -11.44
CA SER A 285 -14.45 13.88 -11.77
C SER A 285 -12.96 13.58 -11.70
N ALA A 286 -12.58 12.60 -10.89
CA ALA A 286 -11.18 12.21 -10.74
C ALA A 286 -10.69 11.30 -11.89
N SER A 287 -11.63 10.68 -12.61
CA SER A 287 -11.26 9.69 -13.59
C SER A 287 -10.46 10.28 -14.74
N ARG A 288 -9.35 9.59 -15.02
CA ARG A 288 -8.55 9.88 -16.20
C ARG A 288 -8.90 8.84 -17.29
#